data_4ZVM
#
_entry.id   4ZVM
#
_cell.length_a   56.230
_cell.length_b   83.340
_cell.length_c   106.620
_cell.angle_alpha   90.000
_cell.angle_beta   90.000
_cell.angle_gamma   90.000
#
_symmetry.space_group_name_H-M   'P 21 21 21'
#
loop_
_entity.id
_entity.type
_entity.pdbx_description
1 polymer 'Ribosyldihydronicotinamide dehydrogenase [quinone]'
2 non-polymer 'ZINC ION'
3 non-polymer 'FLAVIN-ADENINE DINUCLEOTIDE'
4 non-polymer DOXORUBICIN
5 water water
#
_entity_poly.entity_id   1
_entity_poly.type   'polypeptide(L)'
_entity_poly.pdbx_seq_one_letter_code
;AGKKVLIVYAHQEPKSFNGSLKNVAVDELSRQGCTVTVSDLYAMNFEPRATDKDITGTLSNPEVFNYGVETHEAYKQRSL
ASDITDEQKKVREADLVIFQFPLYWFSVPAILKGWMDRVLCQGFAFDIPGFYDSGLLQGKLALLSVTTGGTAEMYTKTGV
NGDSRYFLWPLQHGTLHFCGFKVLAPQISFAPEIASEEERKGMVAAWSQRLQTIWKEEPIPCTAHWHFGQ
;
_entity_poly.pdbx_strand_id   A,B
#
loop_
_chem_comp.id
_chem_comp.type
_chem_comp.name
_chem_comp.formula
DM2 non-polymer DOXORUBICIN 'C27 H29 N O11'
FAD non-polymer 'FLAVIN-ADENINE DINUCLEOTIDE' 'C27 H33 N9 O15 P2'
ZN non-polymer 'ZINC ION' 'Zn 2'
#
# COMPACT_ATOMS: atom_id res chain seq x y z
N ALA A 1 18.52 27.37 15.07
CA ALA A 1 18.15 26.02 14.65
C ALA A 1 17.25 26.10 13.41
N GLY A 2 15.96 26.32 13.63
CA GLY A 2 15.03 26.63 12.56
C GLY A 2 14.66 25.46 11.67
N LYS A 3 14.33 24.32 12.28
CA LYS A 3 14.02 23.11 11.54
C LYS A 3 12.51 22.97 11.24
N LYS A 4 12.19 22.57 10.01
CA LYS A 4 10.83 22.46 9.53
C LYS A 4 10.43 20.98 9.42
N VAL A 5 9.28 20.69 10.03
CA VAL A 5 8.71 19.37 10.15
C VAL A 5 7.32 19.31 9.51
N LEU A 6 7.11 18.33 8.63
CA LEU A 6 5.76 18.02 8.15
C LEU A 6 5.33 16.69 8.75
N ILE A 7 4.15 16.66 9.36
CA ILE A 7 3.59 15.40 9.81
C ILE A 7 2.45 15.01 8.87
N VAL A 8 2.62 13.91 8.16
CA VAL A 8 1.52 13.36 7.33
C VAL A 8 0.80 12.30 8.16
N TYR A 9 -0.42 12.64 8.51
CA TYR A 9 -1.24 11.91 9.49
C TYR A 9 -2.44 11.26 8.84
N ALA A 10 -2.63 9.97 9.17
CA ALA A 10 -3.63 9.11 8.53
C ALA A 10 -4.40 8.33 9.59
N HIS A 11 -5.21 9.03 10.35
CA HIS A 11 -6.13 8.37 11.24
C HIS A 11 -7.45 9.13 11.31
N GLN A 12 -8.54 8.37 11.36
CA GLN A 12 -9.89 8.96 11.36
C GLN A 12 -10.32 9.68 12.67
N GLU A 13 -9.75 9.27 13.78
CA GLU A 13 -10.28 9.60 15.09
C GLU A 13 -9.27 10.44 15.87
N PRO A 14 -9.61 11.69 16.17
CA PRO A 14 -8.68 12.54 16.93
C PRO A 14 -8.27 11.94 18.28
N LYS A 15 -9.17 11.17 18.90
CA LYS A 15 -8.92 10.61 20.25
C LYS A 15 -8.12 9.32 20.21
N SER A 16 -7.64 8.94 19.03
CA SER A 16 -7.00 7.65 18.87
C SER A 16 -5.58 7.67 19.38
N PHE A 17 -5.00 6.49 19.51
CA PHE A 17 -3.62 6.40 19.90
C PHE A 17 -2.76 7.09 18.87
N ASN A 18 -3.11 6.91 17.60
CA ASN A 18 -2.40 7.64 16.53
C ASN A 18 -2.58 9.15 16.72
N GLY A 19 -3.80 9.58 17.04
CA GLY A 19 -4.04 10.99 17.21
C GLY A 19 -3.15 11.54 18.32
N SER A 20 -3.03 10.79 19.40
CA SER A 20 -2.17 11.21 20.52
C SER A 20 -0.71 11.26 20.12
N LEU A 21 -0.27 10.32 19.30
CA LEU A 21 1.13 10.34 18.89
C LEU A 21 1.41 11.56 18.01
N LYS A 22 0.45 11.90 17.16
CA LYS A 22 0.60 13.07 16.30
C LYS A 22 0.62 14.33 17.16
N ASN A 23 -0.30 14.44 18.11
CA ASN A 23 -0.39 15.62 18.98
C ASN A 23 0.85 15.82 19.89
N VAL A 24 1.43 14.73 20.37
CA VAL A 24 2.69 14.79 21.14
C VAL A 24 3.80 15.31 20.26
N ALA A 25 3.82 14.87 19.01
CA ALA A 25 4.80 15.33 18.09
C ALA A 25 4.64 16.84 17.83
N VAL A 26 3.41 17.29 17.60
CA VAL A 26 3.15 18.71 17.41
C VAL A 26 3.64 19.44 18.67
N ASP A 27 3.23 19.00 19.85
CA ASP A 27 3.54 19.69 21.11
C ASP A 27 5.05 19.83 21.32
N GLU A 28 5.76 18.72 21.16
CA GLU A 28 7.15 18.67 21.56
C GLU A 28 8.03 19.37 20.54
N LEU A 29 7.73 19.16 19.26
CA LEU A 29 8.48 19.85 18.22
C LEU A 29 8.17 21.36 18.23
N SER A 30 6.93 21.72 18.54
CA SER A 30 6.59 23.14 18.71
C SER A 30 7.38 23.76 19.89
N ARG A 31 7.34 23.09 21.03
CA ARG A 31 8.15 23.41 22.20
C ARG A 31 9.62 23.67 21.87
N GLN A 32 10.21 22.87 20.98
CA GLN A 32 11.63 23.03 20.64
C GLN A 32 11.91 24.25 19.78
N GLY A 33 10.85 24.88 19.29
CA GLY A 33 10.99 25.98 18.35
C GLY A 33 10.92 25.62 16.88
N CYS A 34 10.70 24.34 16.55
CA CYS A 34 10.51 23.91 15.16
C CYS A 34 9.28 24.52 14.47
N THR A 35 9.33 24.65 13.16
CA THR A 35 8.20 24.98 12.31
C THR A 35 7.45 23.66 12.01
N VAL A 36 6.17 23.61 12.33
CA VAL A 36 5.40 22.37 12.25
C VAL A 36 4.14 22.54 11.39
N THR A 37 3.94 21.56 10.53
CA THR A 37 2.79 21.54 9.64
C THR A 37 2.21 20.12 9.65
N VAL A 38 0.89 19.99 9.70
CA VAL A 38 0.24 18.66 9.72
C VAL A 38 -0.68 18.52 8.54
N SER A 39 -0.52 17.46 7.77
CA SER A 39 -1.49 17.09 6.73
C SER A 39 -2.35 15.99 7.28
N ASP A 40 -3.57 16.38 7.68
CA ASP A 40 -4.57 15.49 8.22
C ASP A 40 -5.42 14.93 7.05
N LEU A 41 -4.93 13.82 6.46
CA LEU A 41 -5.48 13.33 5.20
C LEU A 41 -6.97 13.05 5.34
N TYR A 42 -7.40 12.40 6.42
CA TYR A 42 -8.83 12.05 6.48
C TYR A 42 -9.69 13.32 6.64
N ALA A 43 -9.19 14.28 7.41
CA ALA A 43 -9.97 15.53 7.63
C ALA A 43 -10.03 16.34 6.35
N MET A 44 -9.01 16.16 5.52
CA MET A 44 -8.93 16.87 4.25
C MET A 44 -9.72 16.14 3.16
N ASN A 45 -10.26 14.98 3.50
CA ASN A 45 -10.85 14.09 2.51
C ASN A 45 -9.93 13.90 1.29
N PHE A 46 -8.66 13.71 1.59
CA PHE A 46 -7.63 13.58 0.61
C PHE A 46 -7.93 12.49 -0.42
N GLU A 47 -7.80 12.87 -1.68
CA GLU A 47 -8.06 12.00 -2.80
C GLU A 47 -6.93 10.98 -2.96
N PRO A 48 -7.23 9.66 -2.85
CA PRO A 48 -6.17 8.66 -3.01
C PRO A 48 -6.00 8.14 -4.45
N ARG A 49 -7.02 8.29 -5.31
CA ARG A 49 -6.92 7.69 -6.64
C ARG A 49 -6.06 8.49 -7.60
N ALA A 50 -5.19 7.78 -8.32
CA ALA A 50 -4.41 8.36 -9.40
C ALA A 50 -5.29 8.42 -10.64
N THR A 51 -5.75 9.61 -10.99
CA THR A 51 -6.64 9.75 -12.15
C THR A 51 -6.24 10.96 -12.95
N ASP A 52 -6.92 11.13 -14.10
CA ASP A 52 -6.63 12.20 -15.02
C ASP A 52 -7.17 13.56 -14.53
N LYS A 53 -7.91 13.56 -13.43
CA LYS A 53 -8.22 14.81 -12.74
C LYS A 53 -7.00 15.39 -12.02
N ASP A 54 -5.91 14.63 -11.96
CA ASP A 54 -4.74 15.13 -11.26
C ASP A 54 -3.98 16.10 -12.14
N ILE A 55 -4.40 16.18 -13.41
CA ILE A 55 -3.83 17.12 -14.39
C ILE A 55 -4.87 18.15 -14.76
N THR A 56 -4.52 19.42 -14.61
CA THR A 56 -5.44 20.51 -14.92
C THR A 56 -5.22 20.92 -16.37
N GLY A 57 -6.28 21.38 -17.01
CA GLY A 57 -6.18 21.87 -18.38
C GLY A 57 -6.25 20.74 -19.39
N THR A 58 -5.21 20.65 -20.22
CA THR A 58 -5.20 19.74 -21.36
C THR A 58 -4.05 18.75 -21.25
N LEU A 59 -4.38 17.48 -21.48
CA LEU A 59 -3.42 16.41 -21.27
C LEU A 59 -2.48 16.22 -22.45
N SER A 60 -1.28 15.74 -22.15
CA SER A 60 -0.26 15.49 -23.17
C SER A 60 -0.69 14.44 -24.18
N ASN A 61 -1.83 13.79 -23.94
CA ASN A 61 -2.34 12.72 -24.81
C ASN A 61 -3.71 12.28 -24.32
N PRO A 62 -4.77 13.00 -24.71
CA PRO A 62 -6.13 12.70 -24.25
C PRO A 62 -6.70 11.40 -24.82
N GLU A 63 -5.92 10.70 -25.63
CA GLU A 63 -6.40 9.51 -26.29
C GLU A 63 -6.05 8.27 -25.48
N VAL A 64 -4.82 8.22 -24.99
CA VAL A 64 -4.33 7.09 -24.24
C VAL A 64 -3.63 7.60 -22.97
N PHE A 65 -4.25 7.35 -21.83
CA PHE A 65 -3.81 7.98 -20.58
C PHE A 65 -2.71 7.21 -19.85
N ASN A 66 -1.53 7.82 -19.76
CA ASN A 66 -0.39 7.29 -19.00
C ASN A 66 -0.14 8.19 -17.78
N TYR A 67 -0.49 7.72 -16.60
CA TYR A 67 -0.46 8.55 -15.40
C TYR A 67 0.96 9.09 -15.15
N GLY A 68 1.96 8.23 -15.24
CA GLY A 68 3.32 8.63 -14.89
C GLY A 68 3.83 9.76 -15.75
N VAL A 69 3.47 9.73 -17.02
CA VAL A 69 4.04 10.63 -17.99
C VAL A 69 3.31 11.94 -17.91
N GLU A 70 2.00 11.83 -17.78
CA GLU A 70 1.11 12.99 -17.74
C GLU A 70 1.36 13.85 -16.51
N THR A 71 1.80 13.21 -15.43
CA THR A 71 2.09 13.92 -14.20
C THR A 71 3.54 14.36 -14.19
N HIS A 72 4.40 13.66 -14.92
CA HIS A 72 5.76 14.14 -15.11
C HIS A 72 5.69 15.48 -15.81
N GLU A 73 5.01 15.50 -16.95
CA GLU A 73 4.89 16.71 -17.74
C GLU A 73 4.19 17.78 -16.92
N ALA A 74 3.05 17.44 -16.31
CA ALA A 74 2.27 18.43 -15.57
C ALA A 74 3.08 19.09 -14.44
N TYR A 75 3.98 18.34 -13.79
CA TYR A 75 4.82 18.94 -12.76
C TYR A 75 5.78 19.93 -13.39
N LYS A 76 6.43 19.48 -14.47
CA LYS A 76 7.38 20.29 -15.23
C LYS A 76 6.69 21.55 -15.73
N GLN A 77 5.42 21.40 -16.11
CA GLN A 77 4.63 22.47 -16.70
C GLN A 77 3.72 23.15 -15.69
N ARG A 78 3.94 22.91 -14.40
CA ARG A 78 3.11 23.50 -13.34
C ARG A 78 1.61 23.43 -13.63
N SER A 79 1.11 22.25 -13.99
CA SER A 79 -0.30 22.05 -14.22
C SER A 79 -0.90 20.86 -13.43
N LEU A 80 -0.31 20.55 -12.27
CA LEU A 80 -0.86 19.52 -11.40
C LEU A 80 -2.00 20.10 -10.57
N ALA A 81 -2.99 19.26 -10.21
CA ALA A 81 -4.09 19.67 -9.34
C ALA A 81 -3.54 20.26 -8.04
N SER A 82 -4.30 21.16 -7.43
CA SER A 82 -3.78 21.97 -6.35
C SER A 82 -3.64 21.17 -5.05
N ASP A 83 -4.41 20.09 -4.89
CA ASP A 83 -4.28 19.29 -3.68
C ASP A 83 -2.90 18.65 -3.66
N ILE A 84 -2.42 18.24 -4.83
CA ILE A 84 -1.07 17.69 -4.97
C ILE A 84 0.01 18.75 -4.75
N THR A 85 -0.11 19.88 -5.43
CA THR A 85 0.94 20.89 -5.34
C THR A 85 0.95 21.51 -3.93
N ASP A 86 -0.20 21.62 -3.30
CA ASP A 86 -0.23 22.01 -1.88
C ASP A 86 0.64 21.06 -1.06
N GLU A 87 0.49 19.76 -1.28
CA GLU A 87 1.31 18.81 -0.52
C GLU A 87 2.81 18.91 -0.88
N GLN A 88 3.11 19.09 -2.15
CA GLN A 88 4.50 19.18 -2.58
C GLN A 88 5.22 20.38 -1.99
N LYS A 89 4.48 21.46 -1.85
CA LYS A 89 5.05 22.64 -1.22
C LYS A 89 5.43 22.33 0.22
N LYS A 90 4.54 21.63 0.94
CA LYS A 90 4.82 21.29 2.33
C LYS A 90 6.07 20.41 2.44
N VAL A 91 6.20 19.48 1.50
CA VAL A 91 7.35 18.61 1.50
C VAL A 91 8.64 19.36 1.14
N ARG A 92 8.57 20.15 0.10
CA ARG A 92 9.73 20.97 -0.32
C ARG A 92 10.28 21.76 0.87
N GLU A 93 9.40 22.34 1.68
CA GLU A 93 9.80 23.16 2.83
C GLU A 93 10.32 22.35 4.04
N ALA A 94 9.90 21.10 4.12
CA ALA A 94 10.22 20.29 5.28
C ALA A 94 11.67 19.81 5.27
N ASP A 95 12.25 19.69 6.45
CA ASP A 95 13.55 19.05 6.64
C ASP A 95 13.34 17.65 7.15
N LEU A 96 12.20 17.44 7.80
CA LEU A 96 11.79 16.14 8.30
C LEU A 96 10.34 15.88 7.97
N VAL A 97 10.03 14.69 7.42
CA VAL A 97 8.64 14.28 7.23
C VAL A 97 8.35 13.07 8.07
N ILE A 98 7.47 13.24 9.05
CA ILE A 98 7.00 12.15 9.87
C ILE A 98 5.65 11.63 9.33
N PHE A 99 5.56 10.32 9.09
CA PHE A 99 4.29 9.69 8.73
C PHE A 99 3.72 9.01 9.93
N GLN A 100 2.50 9.36 10.26
CA GLN A 100 1.88 8.80 11.45
C GLN A 100 0.65 8.01 11.04
N PHE A 101 0.70 6.70 11.24
CA PHE A 101 -0.38 5.83 10.76
C PHE A 101 -0.47 4.49 11.46
N PRO A 102 -1.69 3.94 11.52
CA PRO A 102 -1.82 2.52 11.90
C PRO A 102 -1.51 1.59 10.75
N LEU A 103 -0.93 0.45 11.06
CA LEU A 103 -0.58 -0.50 10.03
C LEU A 103 -1.87 -1.11 9.44
N TYR A 104 -2.05 -0.97 8.12
CA TYR A 104 -3.14 -1.61 7.38
C TYR A 104 -2.55 -2.59 6.35
N TRP A 105 -2.83 -3.87 6.53
CA TRP A 105 -2.34 -4.90 5.61
C TRP A 105 -0.82 -4.77 5.34
N PHE A 106 -0.06 -4.73 6.43
CA PHE A 106 1.41 -4.71 6.38
C PHE A 106 1.87 -3.51 5.61
N SER A 107 1.05 -2.47 5.59
CA SER A 107 1.39 -1.28 4.83
C SER A 107 0.65 -0.03 5.38
N VAL A 108 0.63 1.04 4.60
CA VAL A 108 -0.09 2.26 4.98
C VAL A 108 -1.60 2.16 4.62
N PRO A 109 -2.46 2.86 5.36
CA PRO A 109 -3.86 2.99 4.93
C PRO A 109 -3.94 3.56 3.52
N ALA A 110 -4.93 3.13 2.72
CA ALA A 110 -4.98 3.56 1.33
C ALA A 110 -4.96 5.06 1.13
N ILE A 111 -5.49 5.84 2.07
CA ILE A 111 -5.53 7.27 1.87
C ILE A 111 -4.11 7.84 1.87
N LEU A 112 -3.28 7.29 2.74
CA LEU A 112 -1.85 7.63 2.77
C LEU A 112 -1.13 7.02 1.56
N LYS A 113 -1.53 5.84 1.12
CA LYS A 113 -0.89 5.26 -0.06
C LYS A 113 -1.12 6.20 -1.23
N GLY A 114 -2.33 6.75 -1.28
CA GLY A 114 -2.70 7.71 -2.32
C GLY A 114 -1.88 9.00 -2.25
N TRP A 115 -1.58 9.49 -1.06
CA TRP A 115 -0.65 10.62 -0.93
C TRP A 115 0.71 10.27 -1.57
N MET A 116 1.25 9.11 -1.25
N MET A 116 1.25 9.11 -1.21
CA MET A 116 2.54 8.73 -1.80
CA MET A 116 2.52 8.65 -1.77
C MET A 116 2.46 8.62 -3.32
C MET A 116 2.47 8.59 -3.29
N ASP A 117 1.42 7.95 -3.81
CA ASP A 117 1.25 7.75 -5.23
C ASP A 117 1.18 9.06 -6.01
N ARG A 118 0.38 10.00 -5.49
CA ARG A 118 0.01 11.20 -6.22
C ARG A 118 0.97 12.39 -5.95
N VAL A 119 1.48 12.50 -4.74
CA VAL A 119 2.37 13.62 -4.36
C VAL A 119 3.82 13.42 -4.80
N LEU A 120 4.30 12.20 -4.69
CA LEU A 120 5.70 11.88 -5.00
C LEU A 120 5.86 11.50 -6.49
N CYS A 121 5.53 12.46 -7.34
CA CYS A 121 5.58 12.28 -8.79
C CYS A 121 6.99 12.50 -9.37
N GLN A 122 7.16 12.06 -10.61
CA GLN A 122 8.44 12.18 -11.29
C GLN A 122 8.70 13.64 -11.60
N GLY A 123 9.90 14.10 -11.27
CA GLY A 123 10.26 15.50 -11.42
C GLY A 123 10.27 16.21 -10.09
N PHE A 124 9.45 15.72 -9.16
CA PHE A 124 9.39 16.30 -7.82
C PHE A 124 10.20 15.45 -6.86
N ALA A 125 9.93 14.16 -6.83
CA ALA A 125 10.53 13.29 -5.82
C ALA A 125 11.68 12.45 -6.38
N PHE A 126 11.74 12.30 -7.69
CA PHE A 126 12.74 11.43 -8.27
C PHE A 126 12.82 11.64 -9.77
N ASP A 127 13.94 11.23 -10.36
CA ASP A 127 14.08 11.31 -11.79
C ASP A 127 15.20 10.39 -12.31
N ILE A 128 15.31 10.37 -13.63
CA ILE A 128 16.52 9.96 -14.33
C ILE A 128 17.37 11.21 -14.53
N PRO A 129 18.45 11.38 -13.75
CA PRO A 129 18.96 10.58 -12.63
C PRO A 129 18.36 11.08 -11.33
N GLY A 130 18.82 10.54 -10.21
CA GLY A 130 18.35 11.00 -8.92
C GLY A 130 17.31 10.04 -8.42
N PHE A 131 17.81 8.92 -7.90
CA PHE A 131 16.99 8.05 -7.10
C PHE A 131 17.89 7.36 -6.10
N TYR A 132 17.25 6.74 -5.12
CA TYR A 132 17.94 6.24 -3.95
C TYR A 132 18.85 7.34 -3.47
N ASP A 133 20.13 7.06 -3.22
CA ASP A 133 21.07 8.02 -2.64
C ASP A 133 20.98 9.44 -3.22
N SER A 134 20.71 9.50 -4.51
CA SER A 134 20.64 10.74 -5.26
C SER A 134 19.23 11.29 -5.56
N GLY A 135 18.16 10.64 -5.06
CA GLY A 135 16.79 11.10 -5.27
C GLY A 135 16.57 12.56 -4.87
N LEU A 136 15.59 13.20 -5.49
CA LEU A 136 15.42 14.67 -5.44
C LEU A 136 15.04 15.27 -4.08
N LEU A 137 14.77 14.42 -3.09
CA LEU A 137 14.47 14.90 -1.77
C LEU A 137 15.67 14.65 -0.88
N GLN A 138 16.85 14.51 -1.48
CA GLN A 138 18.06 14.36 -0.66
C GLN A 138 18.21 15.57 0.22
N GLY A 139 18.72 15.34 1.42
CA GLY A 139 18.87 16.38 2.42
C GLY A 139 17.80 16.31 3.48
N LYS A 140 16.70 15.63 3.17
CA LYS A 140 15.58 15.51 4.09
C LYS A 140 15.61 14.22 4.89
N LEU A 141 15.04 14.25 6.08
CA LEU A 141 14.80 13.04 6.85
C LEU A 141 13.36 12.54 6.73
N ALA A 142 13.14 11.23 6.80
CA ALA A 142 11.78 10.70 6.87
C ALA A 142 11.79 9.72 8.00
N LEU A 143 10.63 9.57 8.64
CA LEU A 143 10.48 8.69 9.76
C LEU A 143 9.08 8.11 9.74
N LEU A 144 8.98 6.78 9.80
CA LEU A 144 7.72 6.11 9.93
C LEU A 144 7.38 5.81 11.36
N SER A 145 6.27 6.37 11.79
CA SER A 145 5.71 6.11 13.12
C SER A 145 4.44 5.30 12.98
N VAL A 146 4.56 4.00 13.25
CA VAL A 146 3.53 3.01 12.93
C VAL A 146 2.95 2.48 14.21
N THR A 147 1.65 2.24 14.23
CA THR A 147 1.04 1.48 15.31
C THR A 147 0.54 0.16 14.73
N THR A 148 0.53 -0.90 15.53
CA THR A 148 0.07 -2.22 15.06
C THR A 148 -1.01 -2.82 15.93
N GLY A 149 -1.77 -3.76 15.36
CA GLY A 149 -2.69 -4.55 16.15
C GLY A 149 -1.95 -5.72 16.77
N GLY A 150 -0.91 -6.19 16.08
CA GLY A 150 -0.14 -7.36 16.49
C GLY A 150 1.03 -7.05 17.38
N THR A 151 1.41 -8.04 18.18
CA THR A 151 2.39 -7.85 19.23
C THR A 151 3.78 -7.89 18.66
N ALA A 152 4.74 -7.37 19.42
CA ALA A 152 6.11 -7.39 18.97
C ALA A 152 6.57 -8.83 18.78
N GLU A 153 6.03 -9.74 19.60
CA GLU A 153 6.43 -11.14 19.51
C GLU A 153 6.11 -11.70 18.11
N MET A 154 4.98 -11.28 17.55
CA MET A 154 4.53 -11.80 16.26
C MET A 154 5.35 -11.26 15.10
N TYR A 155 5.90 -10.06 15.31
CA TYR A 155 6.71 -9.40 14.28
C TYR A 155 8.20 -9.68 14.50
N THR A 156 8.52 -10.96 14.62
CA THR A 156 9.91 -11.42 14.58
C THR A 156 10.13 -12.35 13.41
N LYS A 157 11.39 -12.70 13.14
CA LYS A 157 11.76 -13.52 11.98
C LYS A 157 10.98 -14.84 11.92
N THR A 158 10.70 -15.39 13.09
CA THR A 158 10.05 -16.69 13.22
C THR A 158 8.65 -16.59 13.78
N GLY A 159 8.23 -15.38 14.17
CA GLY A 159 6.85 -15.12 14.55
C GLY A 159 5.95 -15.20 13.33
N VAL A 160 4.63 -15.29 13.54
CA VAL A 160 3.70 -15.52 12.43
C VAL A 160 3.72 -14.43 11.36
N ASN A 161 4.00 -13.19 11.78
CA ASN A 161 3.99 -12.05 10.86
C ASN A 161 5.32 -11.75 10.22
N GLY A 162 6.37 -12.47 10.66
CA GLY A 162 7.71 -12.14 10.22
C GLY A 162 8.20 -10.84 10.83
N ASP A 163 9.51 -10.57 10.72
CA ASP A 163 10.17 -9.35 11.24
C ASP A 163 9.47 -8.07 10.74
N SER A 164 9.15 -7.15 11.66
CA SER A 164 8.57 -5.87 11.26
C SER A 164 9.39 -5.25 10.14
N ARG A 165 10.70 -5.50 10.12
CA ARG A 165 11.53 -4.90 9.06
C ARG A 165 11.14 -5.40 7.66
N TYR A 166 10.53 -6.58 7.61
CA TYR A 166 10.12 -7.11 6.34
C TYR A 166 9.06 -6.20 5.71
N PHE A 167 8.09 -5.73 6.50
CA PHE A 167 7.06 -4.89 5.88
C PHE A 167 7.52 -3.45 5.70
N LEU A 168 8.64 -3.07 6.31
CA LEU A 168 9.12 -1.70 6.16
C LEU A 168 9.76 -1.44 4.82
N TRP A 169 10.19 -2.49 4.15
CA TRP A 169 11.01 -2.38 2.94
C TRP A 169 10.33 -1.60 1.81
N PRO A 170 9.07 -1.91 1.51
CA PRO A 170 8.49 -1.17 0.38
C PRO A 170 8.32 0.34 0.70
N LEU A 171 8.13 0.65 1.98
CA LEU A 171 7.95 2.02 2.47
C LEU A 171 9.29 2.73 2.66
N GLN A 172 10.11 2.20 3.54
CA GLN A 172 11.41 2.80 3.81
C GLN A 172 12.30 2.79 2.59
N HIS A 173 12.44 1.63 1.92
CA HIS A 173 13.40 1.55 0.83
C HIS A 173 12.77 1.85 -0.53
N GLY A 174 11.70 1.16 -0.91
CA GLY A 174 11.11 1.39 -2.22
C GLY A 174 10.51 2.78 -2.46
N THR A 175 10.15 3.45 -1.38
CA THR A 175 9.50 4.73 -1.47
C THR A 175 10.42 5.84 -0.88
N LEU A 176 10.66 5.82 0.42
CA LEU A 176 11.42 6.93 1.02
C LEU A 176 12.88 7.02 0.56
N HIS A 177 13.65 5.96 0.71
CA HIS A 177 15.03 5.96 0.21
C HIS A 177 15.03 6.30 -1.27
N PHE A 178 14.09 5.76 -2.01
CA PHE A 178 14.10 5.91 -3.45
C PHE A 178 14.02 7.36 -3.85
N CYS A 179 13.37 8.16 -3.01
CA CYS A 179 13.18 9.58 -3.32
C CYS A 179 14.31 10.45 -2.77
N GLY A 180 15.26 9.85 -2.07
CA GLY A 180 16.40 10.60 -1.58
C GLY A 180 16.38 10.83 -0.10
N PHE A 181 15.29 10.46 0.57
CA PHE A 181 15.24 10.66 2.00
C PHE A 181 16.33 9.85 2.70
N LYS A 182 16.89 10.41 3.76
CA LYS A 182 17.59 9.59 4.72
C LYS A 182 16.53 9.21 5.71
N VAL A 183 16.57 7.95 6.12
CA VAL A 183 15.46 7.37 6.82
C VAL A 183 15.85 7.15 8.24
N LEU A 184 15.16 7.82 9.16
CA LEU A 184 15.38 7.58 10.57
C LEU A 184 14.75 6.27 10.98
N ALA A 185 15.25 5.72 12.07
CA ALA A 185 14.75 4.46 12.58
C ALA A 185 13.25 4.56 12.77
N PRO A 186 12.52 3.52 12.38
CA PRO A 186 11.08 3.64 12.57
C PRO A 186 10.71 3.72 14.03
N GLN A 187 9.57 4.34 14.32
CA GLN A 187 8.95 4.28 15.61
C GLN A 187 7.77 3.32 15.55
N ILE A 188 7.91 2.13 16.11
CA ILE A 188 6.83 1.15 16.04
C ILE A 188 6.25 1.00 17.40
N SER A 189 5.00 1.41 17.55
CA SER A 189 4.25 1.26 18.79
C SER A 189 3.40 -0.01 18.68
N PHE A 190 3.93 -1.12 19.19
CA PHE A 190 3.27 -2.43 19.09
C PHE A 190 2.05 -2.58 19.98
N ALA A 191 0.96 -3.02 19.35
CA ALA A 191 -0.28 -3.41 20.02
C ALA A 191 -0.69 -2.49 21.18
N PRO A 192 -0.76 -1.19 20.91
CA PRO A 192 -1.42 -0.29 21.88
C PRO A 192 -2.79 -0.77 22.35
N GLU A 193 -3.58 -1.36 21.46
CA GLU A 193 -4.98 -1.70 21.72
C GLU A 193 -5.21 -2.65 22.89
N ILE A 194 -4.24 -3.52 23.15
CA ILE A 194 -4.37 -4.53 24.19
C ILE A 194 -3.47 -4.21 25.38
N ALA A 195 -2.72 -3.10 25.30
CA ALA A 195 -1.78 -2.73 26.36
C ALA A 195 -2.47 -1.98 27.47
N SER A 196 -1.87 -1.98 28.66
CA SER A 196 -2.40 -1.16 29.76
C SER A 196 -2.06 0.31 29.54
N GLU A 197 -2.88 1.18 30.12
CA GLU A 197 -2.56 2.62 30.18
C GLU A 197 -1.12 2.85 30.61
N GLU A 198 -0.67 2.08 31.60
CA GLU A 198 0.72 2.16 32.05
C GLU A 198 1.69 1.97 30.87
N GLU A 199 1.41 1.00 30.02
CA GLU A 199 2.32 0.68 28.92
C GLU A 199 2.10 1.64 27.75
N ARG A 200 0.87 2.14 27.62
CA ARG A 200 0.52 3.05 26.56
C ARG A 200 1.21 4.39 26.80
N LYS A 201 1.06 4.92 28.01
CA LYS A 201 1.74 6.16 28.37
C LYS A 201 3.23 6.00 28.11
N GLY A 202 3.75 4.82 28.40
CA GLY A 202 5.16 4.56 28.20
C GLY A 202 5.55 4.67 26.75
N MET A 203 4.71 4.11 25.88
CA MET A 203 4.98 4.20 24.46
C MET A 203 4.91 5.66 23.98
N VAL A 204 3.87 6.36 24.39
CA VAL A 204 3.73 7.77 24.03
C VAL A 204 4.94 8.58 24.56
N ALA A 205 5.43 8.22 25.73
CA ALA A 205 6.50 8.97 26.36
C ALA A 205 7.80 8.68 25.65
N ALA A 206 8.01 7.44 25.24
CA ALA A 206 9.23 7.11 24.53
C ALA A 206 9.27 7.93 23.25
N TRP A 207 8.10 8.14 22.65
CA TRP A 207 7.95 8.92 21.44
C TRP A 207 8.28 10.38 21.71
N SER A 208 7.61 10.98 22.70
CA SER A 208 7.91 12.37 23.10
C SER A 208 9.38 12.46 23.45
N GLN A 209 9.82 11.61 24.38
CA GLN A 209 11.24 11.57 24.74
C GLN A 209 12.13 11.39 23.54
N ARG A 210 11.76 10.51 22.61
CA ARG A 210 12.65 10.36 21.47
C ARG A 210 12.70 11.65 20.68
N LEU A 211 11.56 12.30 20.49
CA LEU A 211 11.54 13.56 19.73
C LEU A 211 12.44 14.66 20.33
N GLN A 212 12.71 14.64 21.62
CA GLN A 212 13.65 15.60 22.19
C GLN A 212 15.01 15.64 21.48
N THR A 213 15.53 14.48 21.04
CA THR A 213 16.86 14.41 20.43
C THR A 213 16.85 13.93 18.97
N ILE A 214 15.71 14.05 18.32
CA ILE A 214 15.49 13.52 16.97
C ILE A 214 16.56 14.05 16.01
N TRP A 215 16.92 15.32 16.18
CA TRP A 215 17.86 15.99 15.26
C TRP A 215 19.32 15.56 15.51
N LYS A 216 19.58 14.83 16.57
CA LYS A 216 20.91 14.28 16.80
C LYS A 216 21.06 12.88 16.18
N GLU A 217 19.96 12.34 15.66
CA GLU A 217 19.96 10.95 15.25
C GLU A 217 20.72 10.67 13.95
N GLU A 218 21.30 9.48 13.89
CA GLU A 218 21.85 8.94 12.65
C GLU A 218 20.72 8.18 11.92
N PRO A 219 20.61 8.36 10.60
CA PRO A 219 19.76 7.54 9.73
C PRO A 219 20.16 6.09 9.74
N ILE A 220 19.21 5.17 9.52
CA ILE A 220 19.56 3.78 9.37
C ILE A 220 20.30 3.62 8.03
N PRO A 221 21.14 2.57 7.91
CA PRO A 221 21.63 2.20 6.57
C PRO A 221 20.45 1.51 5.90
N CYS A 222 19.84 2.15 4.91
CA CYS A 222 18.60 1.63 4.36
C CYS A 222 18.95 0.64 3.26
N THR A 223 19.34 -0.55 3.68
CA THR A 223 19.86 -1.56 2.76
C THR A 223 19.00 -2.82 2.81
N ALA A 224 19.08 -3.63 1.76
CA ALA A 224 18.46 -4.94 1.79
C ALA A 224 18.96 -5.70 3.03
N HIS A 225 20.24 -5.53 3.34
CA HIS A 225 20.83 -6.22 4.47
C HIS A 225 20.23 -5.74 5.80
N TRP A 226 20.07 -4.42 5.97
CA TRP A 226 19.42 -3.92 7.18
C TRP A 226 18.03 -4.55 7.35
N HIS A 227 17.29 -4.69 6.25
CA HIS A 227 15.89 -5.13 6.33
C HIS A 227 15.74 -6.64 6.51
N PHE A 228 16.61 -7.42 5.86
CA PHE A 228 16.38 -8.87 5.77
C PHE A 228 17.51 -9.71 6.36
N GLY A 229 18.69 -9.11 6.53
CA GLY A 229 19.86 -9.83 7.02
C GLY A 229 19.81 -10.23 8.49
N GLN A 230 20.95 -10.67 9.01
CA GLN A 230 21.03 -11.14 10.39
C GLN A 230 21.14 -9.95 11.38
N ALA B 1 -14.54 -29.55 -13.79
CA ALA B 1 -13.84 -28.28 -13.66
C ALA B 1 -14.72 -27.09 -14.10
N GLY B 2 -15.70 -26.76 -13.25
CA GLY B 2 -16.51 -25.56 -13.42
C GLY B 2 -16.11 -24.50 -12.39
N LYS B 3 -15.20 -23.60 -12.77
CA LYS B 3 -14.62 -22.67 -11.81
C LYS B 3 -15.07 -21.21 -11.98
N LYS B 4 -15.04 -20.47 -10.87
CA LYS B 4 -15.40 -19.05 -10.86
C LYS B 4 -14.14 -18.23 -10.55
N VAL B 5 -13.89 -17.23 -11.36
CA VAL B 5 -12.77 -16.33 -11.23
C VAL B 5 -13.21 -14.86 -11.10
N LEU B 6 -12.59 -14.16 -10.16
CA LEU B 6 -12.73 -12.71 -9.99
C LEU B 6 -11.38 -12.11 -10.29
N ILE B 7 -11.40 -11.15 -11.23
CA ILE B 7 -10.23 -10.35 -11.51
C ILE B 7 -10.49 -8.95 -10.92
N VAL B 8 -9.65 -8.52 -10.00
CA VAL B 8 -9.74 -7.17 -9.43
C VAL B 8 -8.68 -6.37 -10.18
N TYR B 9 -9.14 -5.45 -10.98
CA TYR B 9 -8.33 -4.81 -11.99
C TYR B 9 -8.14 -3.32 -11.65
N ALA B 10 -6.90 -2.84 -11.69
CA ALA B 10 -6.56 -1.47 -11.25
C ALA B 10 -5.62 -0.76 -12.20
N HIS B 11 -6.19 -0.32 -13.32
CA HIS B 11 -5.53 0.53 -14.29
C HIS B 11 -6.56 1.48 -14.88
N GLN B 12 -6.13 2.73 -15.11
CA GLN B 12 -7.00 3.79 -15.61
C GLN B 12 -7.36 3.67 -17.11
N GLU B 13 -6.54 2.96 -17.87
CA GLU B 13 -6.53 3.06 -19.34
C GLU B 13 -6.78 1.68 -19.99
N PRO B 14 -7.92 1.51 -20.65
CA PRO B 14 -8.21 0.20 -21.24
C PRO B 14 -7.15 -0.28 -22.24
N LYS B 15 -6.49 0.64 -22.94
CA LYS B 15 -5.50 0.25 -23.95
C LYS B 15 -4.12 0.00 -23.37
N SER B 16 -4.02 -0.02 -22.04
CA SER B 16 -2.73 -0.22 -21.37
C SER B 16 -2.32 -1.67 -21.47
N PHE B 17 -1.08 -1.92 -21.11
CA PHE B 17 -0.56 -3.26 -20.99
C PHE B 17 -1.37 -4.03 -19.92
N ASN B 18 -1.63 -3.39 -18.78
CA ASN B 18 -2.47 -4.03 -17.76
C ASN B 18 -3.79 -4.40 -18.34
N GLY B 19 -4.34 -3.50 -19.15
CA GLY B 19 -5.64 -3.73 -19.74
C GLY B 19 -5.60 -4.94 -20.66
N SER B 20 -4.50 -5.09 -21.40
CA SER B 20 -4.34 -6.26 -22.29
C SER B 20 -4.23 -7.57 -21.48
N LEU B 21 -3.42 -7.55 -20.42
CA LEU B 21 -3.32 -8.72 -19.55
C LEU B 21 -4.69 -9.08 -18.96
N LYS B 22 -5.44 -8.06 -18.57
CA LYS B 22 -6.76 -8.31 -18.00
C LYS B 22 -7.67 -8.94 -19.07
N ASN B 23 -7.64 -8.39 -20.26
CA ASN B 23 -8.47 -8.89 -21.35
C ASN B 23 -8.07 -10.31 -21.79
N VAL B 24 -6.78 -10.63 -21.85
CA VAL B 24 -6.46 -11.99 -22.28
C VAL B 24 -6.83 -12.98 -21.19
N ALA B 25 -6.79 -12.55 -19.93
CA ALA B 25 -7.29 -13.39 -18.85
C ALA B 25 -8.77 -13.67 -19.08
N VAL B 26 -9.55 -12.63 -19.32
CA VAL B 26 -10.96 -12.84 -19.52
C VAL B 26 -11.16 -13.74 -20.76
N ASP B 27 -10.43 -13.50 -21.84
CA ASP B 27 -10.63 -14.29 -23.07
C ASP B 27 -10.30 -15.77 -22.82
N GLU B 28 -9.15 -16.03 -22.22
CA GLU B 28 -8.68 -17.41 -22.08
C GLU B 28 -9.49 -18.15 -21.00
N LEU B 29 -9.84 -17.49 -19.90
CA LEU B 29 -10.64 -18.16 -18.88
C LEU B 29 -12.07 -18.40 -19.38
N SER B 30 -12.59 -17.41 -20.10
CA SER B 30 -13.90 -17.57 -20.76
C SER B 30 -13.88 -18.77 -21.72
N ARG B 31 -12.84 -18.84 -22.54
CA ARG B 31 -12.71 -19.91 -23.55
C ARG B 31 -12.76 -21.28 -22.87
N GLN B 32 -12.14 -21.39 -21.71
CA GLN B 32 -12.14 -22.66 -20.96
C GLN B 32 -13.48 -23.03 -20.39
N GLY B 33 -14.43 -22.10 -20.44
CA GLY B 33 -15.72 -22.35 -19.84
C GLY B 33 -15.84 -21.88 -18.39
N CYS B 34 -14.83 -21.14 -17.90
CA CYS B 34 -14.91 -20.59 -16.54
C CYS B 34 -15.89 -19.42 -16.49
N THR B 35 -16.41 -19.21 -15.30
CA THR B 35 -17.26 -18.08 -15.00
C THR B 35 -16.33 -16.95 -14.58
N VAL B 36 -16.47 -15.78 -15.19
CA VAL B 36 -15.53 -14.69 -15.00
C VAL B 36 -16.22 -13.37 -14.62
N THR B 37 -15.70 -12.71 -13.59
CA THR B 37 -16.16 -11.38 -13.17
C THR B 37 -14.95 -10.48 -13.01
N VAL B 38 -15.07 -9.23 -13.47
CA VAL B 38 -14.02 -8.23 -13.31
C VAL B 38 -14.51 -7.06 -12.49
N SER B 39 -13.77 -6.67 -11.44
CA SER B 39 -14.01 -5.45 -10.71
C SER B 39 -13.00 -4.49 -11.23
N ASP B 40 -13.48 -3.57 -12.05
CA ASP B 40 -12.66 -2.58 -12.71
C ASP B 40 -12.68 -1.32 -11.82
N LEU B 41 -11.75 -1.25 -10.89
CA LEU B 41 -11.88 -0.27 -9.80
C LEU B 41 -11.96 1.18 -10.27
N TYR B 42 -11.06 1.61 -11.15
CA TYR B 42 -11.10 3.01 -11.58
C TYR B 42 -12.42 3.33 -12.28
N ALA B 43 -12.96 2.38 -13.05
CA ALA B 43 -14.22 2.64 -13.77
C ALA B 43 -15.41 2.72 -12.83
N MET B 44 -15.35 1.96 -11.74
CA MET B 44 -16.36 2.02 -10.70
C MET B 44 -16.16 3.24 -9.78
N ASN B 45 -15.12 4.04 -10.04
CA ASN B 45 -14.76 5.12 -9.11
C ASN B 45 -14.70 4.59 -7.67
N PHE B 46 -14.06 3.42 -7.52
CA PHE B 46 -14.07 2.70 -6.26
C PHE B 46 -13.50 3.58 -5.09
N GLU B 47 -14.26 3.64 -3.98
CA GLU B 47 -13.90 4.42 -2.79
C GLU B 47 -12.76 3.75 -2.03
N PRO B 48 -11.59 4.40 -1.92
CA PRO B 48 -10.48 3.70 -1.22
C PRO B 48 -10.37 4.02 0.28
N ARG B 49 -11.06 5.07 0.74
CA ARG B 49 -10.84 5.57 2.08
C ARG B 49 -11.66 4.80 3.07
N ALA B 50 -11.01 4.35 4.13
CA ALA B 50 -11.68 3.72 5.26
C ALA B 50 -12.23 4.82 6.18
N THR B 51 -13.54 5.05 6.11
CA THR B 51 -14.21 6.11 6.88
C THR B 51 -15.50 5.61 7.52
N ASP B 52 -16.08 6.44 8.39
CA ASP B 52 -17.31 6.08 9.08
C ASP B 52 -18.51 6.03 8.13
N LYS B 53 -18.32 6.48 6.89
CA LYS B 53 -19.33 6.33 5.84
C LYS B 53 -19.51 4.85 5.49
N ASP B 54 -18.59 4.00 5.92
CA ASP B 54 -18.65 2.59 5.51
C ASP B 54 -19.60 1.79 6.38
N ILE B 55 -20.11 2.43 7.43
CA ILE B 55 -21.12 1.82 8.30
C ILE B 55 -22.38 2.67 8.31
N THR B 56 -23.52 2.07 8.01
CA THR B 56 -24.75 2.86 7.94
C THR B 56 -25.61 2.73 9.21
N GLY B 57 -25.24 1.83 10.10
CA GLY B 57 -26.03 1.61 11.31
C GLY B 57 -25.63 2.43 12.52
N THR B 58 -26.25 2.10 13.65
CA THR B 58 -25.87 2.67 14.91
C THR B 58 -24.47 2.20 15.25
N LEU B 59 -23.55 3.15 15.42
CA LEU B 59 -22.16 2.84 15.78
C LEU B 59 -22.06 2.22 17.18
N SER B 60 -21.15 1.29 17.33
CA SER B 60 -20.92 0.63 18.61
C SER B 60 -20.36 1.65 19.60
N ASN B 61 -19.55 2.59 19.12
CA ASN B 61 -19.15 3.78 19.91
C ASN B 61 -19.07 5.00 19.06
N PRO B 62 -20.13 5.80 19.02
CA PRO B 62 -20.20 6.95 18.13
C PRO B 62 -19.36 8.17 18.56
N GLU B 63 -18.65 8.06 19.67
CA GLU B 63 -17.87 9.19 20.19
C GLU B 63 -16.37 9.04 19.87
N VAL B 64 -15.91 7.80 19.82
CA VAL B 64 -14.56 7.47 19.47
C VAL B 64 -14.63 6.41 18.37
N PHE B 65 -14.41 6.84 17.13
CA PHE B 65 -14.55 5.97 15.97
C PHE B 65 -13.36 5.04 15.79
N ASN B 66 -13.64 3.75 15.92
CA ASN B 66 -12.68 2.69 15.64
C ASN B 66 -13.07 1.89 14.38
N TYR B 67 -12.36 2.11 13.27
CA TYR B 67 -12.75 1.54 12.00
C TYR B 67 -12.86 0.02 12.08
N GLY B 68 -11.89 -0.63 12.71
CA GLY B 68 -11.83 -2.08 12.74
C GLY B 68 -12.99 -2.66 13.54
N VAL B 69 -13.29 -2.04 14.68
CA VAL B 69 -14.41 -2.49 15.51
C VAL B 69 -15.74 -2.25 14.80
N GLU B 70 -15.92 -1.08 14.24
CA GLU B 70 -17.22 -0.74 13.67
C GLU B 70 -17.52 -1.56 12.40
N THR B 71 -16.50 -1.87 11.59
CA THR B 71 -16.75 -2.64 10.39
C THR B 71 -16.97 -4.12 10.72
N HIS B 72 -16.31 -4.62 11.75
CA HIS B 72 -16.50 -6.00 12.18
C HIS B 72 -17.94 -6.20 12.65
N GLU B 73 -18.38 -5.30 13.53
CA GLU B 73 -19.74 -5.35 14.01
C GLU B 73 -20.73 -5.10 12.88
N ALA B 74 -20.43 -4.13 12.00
CA ALA B 74 -21.32 -3.86 10.87
C ALA B 74 -21.44 -5.02 9.87
N TYR B 75 -20.37 -5.78 9.68
CA TYR B 75 -20.45 -6.98 8.84
C TYR B 75 -21.44 -7.99 9.44
N LYS B 76 -21.38 -8.16 10.76
CA LYS B 76 -22.21 -9.15 11.42
C LYS B 76 -23.66 -8.71 11.39
N GLN B 77 -23.89 -7.40 11.51
CA GLN B 77 -25.23 -6.84 11.55
C GLN B 77 -25.82 -6.60 10.16
N ARG B 78 -24.94 -6.58 9.17
CA ARG B 78 -25.24 -6.26 7.77
C ARG B 78 -25.55 -4.79 7.56
N SER B 79 -24.72 -3.95 8.14
CA SER B 79 -24.93 -2.53 7.99
C SER B 79 -23.70 -1.91 7.34
N LEU B 80 -22.94 -2.71 6.59
CA LEU B 80 -21.81 -2.18 5.82
C LEU B 80 -22.34 -1.46 4.60
N ALA B 81 -21.59 -0.45 4.12
CA ALA B 81 -21.89 0.18 2.87
C ALA B 81 -21.99 -0.88 1.76
N SER B 82 -22.87 -0.65 0.79
CA SER B 82 -23.16 -1.69 -0.19
C SER B 82 -22.03 -1.90 -1.23
N ASP B 83 -21.15 -0.92 -1.42
CA ASP B 83 -20.06 -1.13 -2.39
C ASP B 83 -19.08 -2.17 -1.82
N ILE B 84 -18.97 -2.22 -0.49
CA ILE B 84 -18.17 -3.22 0.18
C ILE B 84 -18.80 -4.60 0.09
N THR B 85 -20.09 -4.69 0.39
CA THR B 85 -20.73 -6.01 0.39
C THR B 85 -20.90 -6.54 -1.03
N ASP B 86 -21.04 -5.66 -2.02
CA ASP B 86 -20.99 -6.10 -3.43
C ASP B 86 -19.66 -6.81 -3.80
N GLU B 87 -18.55 -6.27 -3.33
CA GLU B 87 -17.26 -6.93 -3.58
C GLU B 87 -17.10 -8.24 -2.81
N GLN B 88 -17.56 -8.27 -1.57
CA GLN B 88 -17.54 -9.49 -0.76
C GLN B 88 -18.29 -10.63 -1.45
N LYS B 89 -19.42 -10.33 -2.11
CA LYS B 89 -20.17 -11.41 -2.79
C LYS B 89 -19.35 -12.03 -3.89
N LYS B 90 -18.65 -11.17 -4.63
CA LYS B 90 -17.79 -11.56 -5.74
C LYS B 90 -16.66 -12.46 -5.22
N VAL B 91 -16.05 -12.04 -4.12
CA VAL B 91 -14.99 -12.84 -3.50
C VAL B 91 -15.53 -14.20 -3.01
N ARG B 92 -16.64 -14.15 -2.31
CA ARG B 92 -17.21 -15.32 -1.70
C ARG B 92 -17.51 -16.38 -2.76
N GLU B 93 -17.97 -15.93 -3.92
CA GLU B 93 -18.33 -16.86 -4.99
C GLU B 93 -17.12 -17.31 -5.79
N ALA B 94 -16.02 -16.57 -5.72
CA ALA B 94 -14.86 -16.89 -6.54
C ALA B 94 -14.10 -18.10 -6.00
N ASP B 95 -13.53 -18.91 -6.91
CA ASP B 95 -12.58 -19.96 -6.55
C ASP B 95 -11.17 -19.45 -6.69
N LEU B 96 -10.98 -18.51 -7.61
CA LEU B 96 -9.69 -17.87 -7.84
C LEU B 96 -9.85 -16.34 -7.91
N VAL B 97 -9.00 -15.60 -7.22
CA VAL B 97 -8.99 -14.13 -7.31
C VAL B 97 -7.67 -13.70 -7.90
N ILE B 98 -7.73 -13.06 -9.07
CA ILE B 98 -6.56 -12.54 -9.75
C ILE B 98 -6.55 -11.04 -9.54
N PHE B 99 -5.41 -10.50 -9.12
CA PHE B 99 -5.20 -9.07 -9.01
C PHE B 99 -4.29 -8.61 -10.14
N GLN B 100 -4.84 -7.73 -10.97
CA GLN B 100 -4.12 -7.22 -12.11
C GLN B 100 -3.81 -5.73 -11.89
N PHE B 101 -2.52 -5.41 -11.77
CA PHE B 101 -2.14 -4.03 -11.48
C PHE B 101 -0.67 -3.67 -11.77
N PRO B 102 -0.44 -2.39 -12.10
CA PRO B 102 0.95 -1.88 -12.09
C PRO B 102 1.47 -1.65 -10.71
N LEU B 103 2.75 -1.93 -10.53
CA LEU B 103 3.40 -1.73 -9.26
C LEU B 103 3.49 -0.22 -9.02
N TYR B 104 2.97 0.21 -7.87
CA TYR B 104 3.04 1.61 -7.41
C TYR B 104 3.76 1.58 -6.08
N TRP B 105 4.96 2.15 -6.05
CA TRP B 105 5.77 2.19 -4.86
C TRP B 105 5.90 0.83 -4.17
N PHE B 106 6.34 -0.14 -4.96
CA PHE B 106 6.61 -1.48 -4.43
C PHE B 106 5.35 -2.09 -3.84
N SER B 107 4.20 -1.69 -4.36
CA SER B 107 2.95 -2.13 -3.80
C SER B 107 1.83 -1.99 -4.84
N VAL B 108 0.60 -2.10 -4.37
CA VAL B 108 -0.54 -1.84 -5.22
C VAL B 108 -0.90 -0.35 -5.27
N PRO B 109 -1.49 0.11 -6.40
CA PRO B 109 -2.12 1.44 -6.42
C PRO B 109 -3.10 1.64 -5.30
N ALA B 110 -3.17 2.86 -4.81
CA ALA B 110 -4.01 3.18 -3.65
C ALA B 110 -5.47 2.70 -3.80
N ILE B 111 -6.02 2.75 -5.01
CA ILE B 111 -7.41 2.39 -5.19
C ILE B 111 -7.62 0.91 -4.90
N LEU B 112 -6.63 0.09 -5.20
CA LEU B 112 -6.68 -1.32 -4.90
C LEU B 112 -6.32 -1.59 -3.43
N LYS B 113 -5.43 -0.77 -2.87
CA LYS B 113 -5.14 -0.89 -1.45
C LYS B 113 -6.44 -0.67 -0.65
N GLY B 114 -7.24 0.27 -1.14
CA GLY B 114 -8.51 0.59 -0.51
C GLY B 114 -9.46 -0.60 -0.60
N TRP B 115 -9.44 -1.25 -1.76
CA TRP B 115 -10.26 -2.45 -1.93
C TRP B 115 -9.87 -3.42 -0.83
N MET B 116 -8.58 -3.61 -0.63
N MET B 116 -8.57 -3.62 -0.66
CA MET B 116 -8.16 -4.57 0.38
CA MET B 116 -8.06 -4.51 0.38
C MET B 116 -8.56 -4.11 1.78
C MET B 116 -8.57 -4.09 1.75
N ASP B 117 -8.30 -2.84 2.10
CA ASP B 117 -8.60 -2.32 3.43
C ASP B 117 -10.10 -2.44 3.79
N ARG B 118 -10.95 -2.06 2.85
CA ARG B 118 -12.41 -1.97 3.07
C ARG B 118 -13.15 -3.30 2.90
N VAL B 119 -12.69 -4.13 1.97
CA VAL B 119 -13.45 -5.33 1.61
C VAL B 119 -13.13 -6.51 2.49
N LEU B 120 -11.84 -6.65 2.85
CA LEU B 120 -11.37 -7.77 3.62
C LEU B 120 -11.49 -7.49 5.12
N CYS B 121 -12.72 -7.25 5.57
CA CYS B 121 -12.92 -6.86 6.97
C CYS B 121 -12.97 -8.09 7.89
N GLN B 122 -12.83 -7.82 9.19
CA GLN B 122 -12.94 -8.88 10.16
C GLN B 122 -14.35 -9.46 10.13
N GLY B 123 -14.44 -10.78 10.17
CA GLY B 123 -15.72 -11.46 10.12
C GLY B 123 -15.98 -12.03 8.74
N PHE B 124 -15.48 -11.35 7.73
CA PHE B 124 -15.61 -11.83 6.36
C PHE B 124 -14.35 -12.54 5.90
N ALA B 125 -13.21 -11.86 6.00
CA ALA B 125 -11.98 -12.37 5.40
C ALA B 125 -11.12 -13.14 6.43
N PHE B 126 -11.27 -12.78 7.70
CA PHE B 126 -10.47 -13.35 8.77
C PHE B 126 -11.24 -13.18 10.08
N ASP B 127 -10.81 -13.91 11.10
CA ASP B 127 -11.23 -13.62 12.45
C ASP B 127 -10.07 -13.86 13.40
N ILE B 128 -10.30 -13.50 14.65
CA ILE B 128 -9.35 -13.73 15.74
C ILE B 128 -9.96 -14.64 16.79
N PRO B 129 -9.57 -15.93 16.81
CA PRO B 129 -8.70 -16.64 15.87
C PRO B 129 -9.41 -16.91 14.54
N GLY B 130 -8.63 -17.26 13.53
CA GLY B 130 -9.15 -17.54 12.21
C GLY B 130 -8.40 -16.75 11.16
N PHE B 131 -7.09 -16.92 11.13
CA PHE B 131 -6.27 -16.27 10.14
C PHE B 131 -5.10 -17.16 9.75
N TYR B 132 -4.26 -16.64 8.85
CA TYR B 132 -3.32 -17.44 8.09
C TYR B 132 -3.98 -18.74 7.68
N ASP B 133 -3.42 -19.89 8.03
CA ASP B 133 -3.99 -21.15 7.50
C ASP B 133 -5.41 -21.39 8.00
N SER B 134 -5.84 -20.66 9.02
CA SER B 134 -7.21 -20.77 9.50
C SER B 134 -8.08 -19.58 9.04
N GLY B 135 -7.58 -18.81 8.06
CA GLY B 135 -8.30 -17.65 7.56
C GLY B 135 -9.60 -18.05 6.88
N LEU B 136 -10.56 -17.13 6.83
CA LEU B 136 -11.91 -17.46 6.41
C LEU B 136 -12.10 -17.65 4.92
N LEU B 137 -11.15 -17.18 4.12
CA LEU B 137 -11.21 -17.42 2.67
C LEU B 137 -10.40 -18.66 2.27
N GLN B 138 -10.14 -19.55 3.23
CA GLN B 138 -9.50 -20.80 2.90
C GLN B 138 -10.28 -21.58 1.84
N GLY B 139 -9.54 -22.31 1.04
CA GLY B 139 -10.11 -23.06 -0.06
C GLY B 139 -10.10 -22.24 -1.33
N LYS B 140 -9.81 -20.93 -1.22
CA LYS B 140 -9.68 -20.09 -2.39
C LYS B 140 -8.23 -19.89 -2.77
N LEU B 141 -8.04 -19.59 -4.04
CA LEU B 141 -6.76 -19.30 -4.62
C LEU B 141 -6.67 -17.80 -4.92
N ALA B 142 -5.47 -17.25 -4.82
CA ALA B 142 -5.22 -15.89 -5.27
C ALA B 142 -3.90 -15.82 -6.00
N LEU B 143 -3.80 -14.82 -6.87
CA LEU B 143 -2.69 -14.65 -7.78
C LEU B 143 -2.46 -13.17 -8.07
N LEU B 144 -1.24 -12.70 -7.86
CA LEU B 144 -0.88 -11.35 -8.24
C LEU B 144 -0.29 -11.30 -9.64
N SER B 145 -0.93 -10.56 -10.51
CA SER B 145 -0.37 -10.30 -11.83
C SER B 145 0.04 -8.85 -11.88
N VAL B 146 1.36 -8.65 -11.84
CA VAL B 146 2.00 -7.36 -11.60
C VAL B 146 2.80 -6.92 -12.79
N THR B 147 2.76 -5.62 -13.11
CA THR B 147 3.63 -5.03 -14.14
C THR B 147 4.54 -4.00 -13.48
N THR B 148 5.75 -3.84 -14.01
CA THR B 148 6.71 -2.92 -13.41
C THR B 148 7.34 -1.97 -14.43
N GLY B 149 7.76 -0.80 -13.94
CA GLY B 149 8.59 0.07 -14.73
C GLY B 149 9.99 -0.53 -14.84
N GLY B 150 10.49 -1.03 -13.71
CA GLY B 150 11.84 -1.58 -13.63
C GLY B 150 12.04 -2.96 -14.26
N THR B 151 13.30 -3.31 -14.49
CA THR B 151 13.65 -4.56 -15.15
C THR B 151 13.77 -5.71 -14.17
N ALA B 152 13.77 -6.93 -14.71
CA ALA B 152 13.99 -8.11 -13.92
C ALA B 152 15.32 -8.03 -13.21
N GLU B 153 16.36 -7.57 -13.92
CA GLU B 153 17.70 -7.46 -13.32
C GLU B 153 17.70 -6.46 -12.17
N MET B 154 16.99 -5.34 -12.34
CA MET B 154 16.85 -4.41 -11.23
C MET B 154 16.19 -5.07 -10.03
N TYR B 155 15.25 -5.98 -10.30
CA TYR B 155 14.55 -6.68 -9.21
C TYR B 155 15.19 -8.03 -8.87
N THR B 156 16.50 -7.99 -8.62
CA THR B 156 17.23 -9.16 -8.11
C THR B 156 17.91 -8.81 -6.80
N LYS B 157 18.38 -9.83 -6.12
CA LYS B 157 19.00 -9.66 -4.82
C LYS B 157 20.09 -8.60 -4.90
N THR B 158 20.91 -8.67 -5.94
CA THR B 158 22.03 -7.73 -6.08
C THR B 158 21.68 -6.48 -6.89
N GLY B 159 20.48 -6.43 -7.46
CA GLY B 159 20.07 -5.26 -8.23
C GLY B 159 19.66 -4.13 -7.30
N VAL B 160 19.51 -2.94 -7.86
CA VAL B 160 19.12 -1.76 -7.06
C VAL B 160 17.86 -1.94 -6.22
N ASN B 161 16.83 -2.56 -6.81
CA ASN B 161 15.52 -2.67 -6.14
C ASN B 161 15.37 -3.85 -5.16
N GLY B 162 16.40 -4.67 -5.05
CA GLY B 162 16.28 -5.92 -4.32
C GLY B 162 15.42 -6.92 -5.09
N ASP B 163 15.34 -8.14 -4.58
CA ASP B 163 14.59 -9.19 -5.27
C ASP B 163 13.10 -8.87 -5.36
N SER B 164 12.47 -9.25 -6.47
CA SER B 164 11.04 -9.06 -6.66
C SER B 164 10.24 -9.63 -5.53
N ARG B 165 10.68 -10.74 -4.97
CA ARG B 165 9.87 -11.40 -3.95
C ARG B 165 9.78 -10.55 -2.70
N TYR B 166 10.77 -9.69 -2.50
CA TYR B 166 10.76 -8.88 -1.27
C TYR B 166 9.48 -8.06 -1.20
N PHE B 167 9.09 -7.45 -2.31
CA PHE B 167 7.96 -6.54 -2.21
C PHE B 167 6.63 -7.29 -2.23
N LEU B 168 6.67 -8.61 -2.43
CA LEU B 168 5.45 -9.42 -2.47
C LEU B 168 4.94 -9.75 -1.09
N TRP B 169 5.85 -9.72 -0.11
CA TRP B 169 5.56 -10.16 1.25
C TRP B 169 4.30 -9.55 1.87
N PRO B 170 4.17 -8.22 1.83
CA PRO B 170 2.97 -7.66 2.50
C PRO B 170 1.66 -8.07 1.83
N LEU B 171 1.73 -8.30 0.52
CA LEU B 171 0.55 -8.65 -0.26
C LEU B 171 0.27 -10.14 -0.22
N GLN B 172 1.25 -10.96 -0.58
CA GLN B 172 1.05 -12.40 -0.57
C GLN B 172 0.87 -12.93 0.84
N HIS B 173 1.77 -12.56 1.75
CA HIS B 173 1.70 -13.09 3.11
C HIS B 173 0.83 -12.25 4.06
N GLY B 174 1.12 -10.96 4.16
CA GLY B 174 0.46 -10.17 5.19
C GLY B 174 -1.02 -9.97 4.90
N THR B 175 -1.44 -10.14 3.64
CA THR B 175 -2.85 -9.98 3.28
C THR B 175 -3.53 -11.30 2.81
N LEU B 176 -3.12 -11.86 1.68
CA LEU B 176 -3.82 -13.01 1.10
C LEU B 176 -3.71 -14.22 2.01
N HIS B 177 -2.48 -14.59 2.37
CA HIS B 177 -2.29 -15.74 3.26
C HIS B 177 -3.01 -15.49 4.59
N PHE B 178 -2.95 -14.26 5.08
CA PHE B 178 -3.54 -13.96 6.38
C PHE B 178 -5.03 -14.27 6.34
N CYS B 179 -5.61 -14.10 5.17
CA CYS B 179 -7.05 -14.25 5.01
C CYS B 179 -7.40 -15.70 4.67
N GLY B 180 -6.36 -16.50 4.44
CA GLY B 180 -6.51 -17.93 4.25
C GLY B 180 -6.41 -18.38 2.83
N PHE B 181 -6.14 -17.46 1.91
CA PHE B 181 -5.90 -17.83 0.53
C PHE B 181 -4.71 -18.73 0.44
N LYS B 182 -4.76 -19.68 -0.47
CA LYS B 182 -3.54 -20.24 -1.01
C LYS B 182 -3.11 -19.36 -2.16
N VAL B 183 -1.81 -19.15 -2.25
CA VAL B 183 -1.25 -18.20 -3.18
C VAL B 183 -0.53 -18.87 -4.34
N LEU B 184 -0.97 -18.60 -5.57
CA LEU B 184 -0.26 -19.14 -6.72
C LEU B 184 0.90 -18.21 -7.01
N ALA B 185 1.89 -18.73 -7.72
CA ALA B 185 3.07 -17.94 -8.02
C ALA B 185 2.67 -16.66 -8.78
N PRO B 186 3.33 -15.54 -8.45
CA PRO B 186 3.02 -14.29 -9.10
C PRO B 186 3.39 -14.29 -10.56
N GLN B 187 2.63 -13.53 -11.33
CA GLN B 187 2.94 -13.28 -12.71
C GLN B 187 3.52 -11.89 -12.72
N ILE B 188 4.82 -11.75 -12.97
CA ILE B 188 5.39 -10.40 -13.05
C ILE B 188 5.83 -10.15 -14.47
N SER B 189 5.18 -9.18 -15.09
CA SER B 189 5.57 -8.67 -16.39
C SER B 189 6.48 -7.46 -16.25
N PHE B 190 7.78 -7.69 -16.36
CA PHE B 190 8.76 -6.63 -16.14
C PHE B 190 8.89 -5.66 -17.31
N ALA B 191 8.86 -4.38 -16.98
CA ALA B 191 9.27 -3.27 -17.86
C ALA B 191 8.74 -3.32 -19.28
N PRO B 192 7.42 -3.48 -19.44
CA PRO B 192 6.83 -3.45 -20.78
C PRO B 192 7.02 -2.12 -21.49
N GLU B 193 7.22 -1.04 -20.75
CA GLU B 193 7.33 0.28 -21.35
C GLU B 193 8.61 0.34 -22.20
N ILE B 194 9.63 -0.36 -21.72
CA ILE B 194 10.95 -0.46 -22.34
C ILE B 194 11.03 -1.54 -23.42
N ALA B 195 10.29 -2.61 -23.22
CA ALA B 195 10.32 -3.77 -24.11
C ALA B 195 9.98 -3.37 -25.54
N SER B 196 10.44 -4.18 -26.50
CA SER B 196 10.05 -4.01 -27.88
C SER B 196 8.63 -4.52 -28.08
N GLU B 197 8.04 -4.21 -29.23
CA GLU B 197 6.69 -4.69 -29.53
C GLU B 197 6.61 -6.20 -29.44
N GLU B 198 7.63 -6.88 -29.93
CA GLU B 198 7.63 -8.33 -29.97
C GLU B 198 7.72 -8.88 -28.56
N GLU B 199 8.54 -8.25 -27.73
CA GLU B 199 8.71 -8.69 -26.36
C GLU B 199 7.42 -8.47 -25.56
N ARG B 200 6.66 -7.43 -25.92
CA ARG B 200 5.40 -7.16 -25.24
C ARG B 200 4.38 -8.26 -25.53
N LYS B 201 4.12 -8.49 -26.82
CA LYS B 201 3.18 -9.53 -27.24
C LYS B 201 3.61 -10.86 -26.60
N GLY B 202 4.91 -11.08 -26.54
CA GLY B 202 5.44 -12.26 -25.90
C GLY B 202 4.97 -12.40 -24.46
N MET B 203 5.11 -11.31 -23.69
CA MET B 203 4.73 -11.34 -22.28
C MET B 203 3.22 -11.58 -22.13
N VAL B 204 2.43 -10.95 -22.98
CA VAL B 204 1.00 -11.16 -23.00
C VAL B 204 0.68 -12.64 -23.28
N ALA B 205 1.36 -13.21 -24.27
CA ALA B 205 1.05 -14.56 -24.67
C ALA B 205 1.53 -15.58 -23.64
N ALA B 206 2.60 -15.28 -22.93
CA ALA B 206 3.07 -16.13 -21.83
C ALA B 206 2.02 -16.21 -20.72
N TRP B 207 1.32 -15.10 -20.50
CA TRP B 207 0.26 -15.04 -19.50
C TRP B 207 -0.90 -15.86 -19.96
N SER B 208 -1.32 -15.61 -21.20
CA SER B 208 -2.42 -16.37 -21.77
C SER B 208 -2.10 -17.86 -21.71
N GLN B 209 -0.87 -18.19 -22.13
CA GLN B 209 -0.34 -19.56 -22.08
C GLN B 209 -0.41 -20.16 -20.68
N ARG B 210 0.08 -19.44 -19.67
CA ARG B 210 0.04 -19.96 -18.31
C ARG B 210 -1.39 -20.24 -17.87
N LEU B 211 -2.31 -19.38 -18.28
CA LEU B 211 -3.69 -19.52 -17.84
C LEU B 211 -4.35 -20.80 -18.34
N GLN B 212 -3.92 -21.29 -19.50
CA GLN B 212 -4.44 -22.57 -20.01
C GLN B 212 -4.34 -23.69 -18.96
N THR B 213 -3.30 -23.65 -18.13
CA THR B 213 -3.05 -24.74 -17.17
C THR B 213 -3.08 -24.32 -15.68
N ILE B 214 -3.72 -23.18 -15.39
CA ILE B 214 -3.69 -22.58 -14.06
C ILE B 214 -4.35 -23.47 -13.01
N TRP B 215 -5.31 -24.26 -13.44
CA TRP B 215 -6.06 -25.08 -12.47
C TRP B 215 -5.24 -26.31 -12.06
N LYS B 216 -4.17 -26.58 -12.78
CA LYS B 216 -3.28 -27.67 -12.43
C LYS B 216 -2.14 -27.25 -11.49
N GLU B 217 -1.98 -25.95 -11.26
CA GLU B 217 -0.85 -25.45 -10.46
C GLU B 217 -1.03 -25.73 -8.99
N GLU B 218 0.08 -25.87 -8.28
CA GLU B 218 0.07 -25.90 -6.83
C GLU B 218 0.43 -24.49 -6.36
N PRO B 219 -0.02 -24.13 -5.17
CA PRO B 219 0.30 -22.83 -4.55
C PRO B 219 1.77 -22.77 -4.12
N ILE B 220 2.32 -21.57 -3.90
CA ILE B 220 3.65 -21.48 -3.32
C ILE B 220 3.59 -21.82 -1.83
N PRO B 221 4.73 -22.14 -1.22
CA PRO B 221 4.74 -22.17 0.23
C PRO B 221 4.89 -20.70 0.69
N CYS B 222 3.84 -20.09 1.22
CA CYS B 222 3.86 -18.63 1.49
C CYS B 222 4.54 -18.35 2.84
N THR B 223 5.87 -18.45 2.83
CA THR B 223 6.69 -18.39 4.05
C THR B 223 7.78 -17.32 3.93
N ALA B 224 8.32 -16.91 5.06
CA ALA B 224 9.50 -16.03 5.06
C ALA B 224 10.64 -16.60 4.18
N HIS B 225 10.88 -17.90 4.25
CA HIS B 225 11.96 -18.47 3.45
C HIS B 225 11.70 -18.30 1.95
N TRP B 226 10.47 -18.52 1.51
CA TRP B 226 10.18 -18.39 0.09
C TRP B 226 10.46 -16.96 -0.37
N HIS B 227 10.04 -16.00 0.44
CA HIS B 227 10.20 -14.61 0.07
C HIS B 227 11.64 -14.11 0.20
N PHE B 228 12.34 -14.54 1.23
CA PHE B 228 13.63 -13.92 1.55
C PHE B 228 14.88 -14.83 1.48
N GLY B 229 14.71 -16.14 1.42
CA GLY B 229 15.86 -17.04 1.34
C GLY B 229 16.37 -17.28 2.75
N GLN B 230 17.52 -17.93 2.89
CA GLN B 230 17.96 -18.34 4.23
C GLN B 230 18.73 -17.24 4.94
ZN ZN C . 17.09 1.90 1.12
PA FAD D . -6.70 2.99 19.38
O1A FAD D . -7.24 4.33 18.99
O2A FAD D . -7.83 2.01 19.55
O5B FAD D . -5.82 3.19 20.71
C5B FAD D . -5.48 2.16 21.61
C4B FAD D . -5.90 2.64 23.00
O4B FAD D . -4.99 3.63 23.48
C3B FAD D . -7.26 3.31 22.91
O3B FAD D . -8.09 2.83 23.95
C2B FAD D . -6.93 4.78 23.15
O2B FAD D . -7.98 5.44 23.80
C1B FAD D . -5.72 4.70 24.04
N9A FAD D . -5.00 5.98 24.03
C8A FAD D . -5.16 7.00 23.13
N7A FAD D . -4.37 8.01 23.39
C5A FAD D . -3.67 7.65 24.49
C6A FAD D . -2.68 8.30 25.22
N6A FAD D . -2.22 9.50 24.85
N1A FAD D . -2.15 7.65 26.32
C2A FAD D . -2.59 6.44 26.62
N3A FAD D . -3.52 5.73 25.98
C4A FAD D . -4.04 6.38 24.92
N1 FAD D . -2.60 -4.72 12.54
C2 FAD D . -1.47 -5.43 12.21
O2 FAD D . -0.64 -5.80 13.05
N3 FAD D . -1.24 -5.75 10.88
C4 FAD D . -2.06 -5.43 9.85
O4 FAD D . -1.74 -5.77 8.71
C4X FAD D . -3.22 -4.73 10.20
N5 FAD D . -4.08 -4.41 9.21
C5X FAD D . -5.23 -3.69 9.50
C6 FAD D . -6.11 -3.35 8.46
C7 FAD D . -7.27 -2.64 8.75
C7M FAD D . -8.20 -2.25 7.62
C8 FAD D . -7.53 -2.24 10.07
C8M FAD D . -8.79 -1.46 10.39
C9 FAD D . -6.66 -2.57 11.10
C9A FAD D . -5.51 -3.30 10.80
N10 FAD D . -4.60 -3.62 11.80
C10 FAD D . -3.47 -4.36 11.51
C1' FAD D . -4.90 -3.23 13.21
C2' FAD D . -4.38 -1.76 13.39
O2' FAD D . -3.03 -1.56 12.97
C3' FAD D . -4.52 -1.32 14.83
O3' FAD D . -5.88 -1.41 15.17
C4' FAD D . -4.11 0.15 15.00
O4' FAD D . -2.73 0.29 14.87
C5' FAD D . -4.48 0.60 16.40
O5' FAD D . -4.02 1.92 16.53
P FAD D . -5.13 3.00 16.89
O1P FAD D . -6.32 2.93 15.98
O2P FAD D . -4.51 4.39 16.93
O3P FAD D . -5.58 2.48 18.35
C1 DM2 E . -2.23 -9.32 10.81
C2 DM2 E . -2.58 -8.96 9.51
C3 DM2 E . -3.65 -8.09 9.28
C4 DM2 E . -4.39 -7.57 10.35
O4 DM2 E . -5.48 -6.73 10.20
C5 DM2 E . -4.02 -7.92 11.67
C6 DM2 E . -4.76 -7.39 12.84
O6 DM2 E . -5.69 -6.60 12.74
C7 DM2 E . -4.37 -7.83 14.19
C8 DM2 E . -5.09 -7.30 15.30
O8 DM2 E . -6.12 -6.43 15.11
C9 DM2 E . -4.76 -7.69 16.59
C10 DM2 E . -5.54 -7.11 17.77
O10 DM2 E . -6.95 -7.28 17.57
C11 DM2 E . -5.16 -7.64 19.13
C12 DM2 E . -4.55 -9.04 19.13
O12 DM2 E . -5.52 -9.95 18.67
C13 DM2 E . -4.16 -9.47 20.57
O13 DM2 E . -3.01 -9.32 20.99
C14 DM2 E . -5.21 -10.08 21.47
O14 DM2 E . -4.54 -10.63 22.62
C15 DM2 E . -3.34 -9.01 18.21
C16 DM2 E . -3.69 -8.57 16.79
C17 DM2 E . -2.96 -9.11 15.72
O17 DM2 E . -1.92 -9.97 15.94
C18 DM2 E . -3.31 -8.72 14.40
C19 DM2 E . -2.56 -9.24 13.25
O19 DM2 E . -1.62 -10.01 13.42
C20 DM2 E . -2.95 -8.81 11.88
C21 DM2 E . -6.30 -6.86 8.98
C1' DM2 E . -7.69 -6.07 17.55
C2' DM2 E . -9.02 -6.31 16.83
C3' DM2 E . -9.85 -7.28 17.64
N3' DM2 E . -11.19 -7.36 17.06
C4' DM2 E . -10.00 -6.77 19.04
O4' DM2 E . -10.68 -5.52 18.93
C5' DM2 E . -8.65 -6.58 19.69
O5' DM2 E . -7.90 -5.62 18.86
C6' DM2 E . -8.78 -6.04 21.07
H1 DM2 E . -1.50 -9.96 10.97
H2 DM2 E . -2.08 -9.32 8.74
H3 DM2 E . -3.87 -7.83 8.37
HO8 DM2 E . -5.79 -5.64 14.83
H10 DM2 E . -5.35 -6.11 17.78
H111 DM2 E . -5.94 -7.65 19.67
H112 DM2 E . -4.49 -7.00 19.55
HO12 DM2 E . -6.29 -9.73 19.00
H141 DM2 E . -5.67 -10.78 20.99
H142 DM2 E . -5.86 -9.39 21.76
HO14 DM2 E . -5.07 -10.51 23.37
H151 DM2 E . -2.66 -8.37 18.58
H152 DM2 E . -2.95 -9.88 18.18
HO17 DM2 E . -2.22 -10.82 15.95
H211 DM2 E . -7.09 -7.39 9.17
H212 DM2 E . -6.58 -5.96 8.68
H213 DM2 E . -5.77 -7.28 8.29
H1' DM2 E . -7.19 -5.41 17.07
H2'1 DM2 E . -9.49 -5.46 16.74
H2'2 DM2 E . -8.85 -6.68 15.96
H3' DM2 E . -9.44 -8.18 17.65
HN'1 DM2 E . -11.12 -7.39 16.17
HN'2 DM2 E . -11.62 -8.11 17.36
H4' DM2 E . -10.54 -7.39 19.57
HO4' DM2 E . -11.52 -5.62 19.14
H5' DM2 E . -8.16 -7.47 19.71
H6'1 DM2 E . -9.67 -6.06 21.33
H6'2 DM2 E . -8.43 -5.07 21.10
H6'3 DM2 E . -8.25 -6.59 21.69
ZN ZN F . 2.43 -16.56 3.80
PA FAD G . 1.81 0.79 -20.61
O1A FAD G . 0.32 0.90 -20.80
O2A FAD G . 2.54 2.09 -20.80
O5B FAD G . 2.32 -0.37 -21.60
C5B FAD G . 3.59 -0.38 -22.21
C4B FAD G . 3.31 -0.52 -23.70
O4B FAD G . 2.62 -1.74 -23.97
C3B FAD G . 2.39 0.57 -24.23
O3B FAD G . 3.02 1.14 -25.34
C2B FAD G . 1.16 -0.15 -24.69
O2B FAD G . 0.58 0.43 -25.82
C1B FAD G . 1.74 -1.50 -25.04
N9A FAD G . 0.69 -2.50 -25.21
C8A FAD G . -0.61 -2.47 -24.79
N7A FAD G . -1.28 -3.55 -25.12
C5A FAD G . -0.39 -4.32 -25.81
C6A FAD G . -0.50 -5.56 -26.43
N6A FAD G . -1.51 -6.37 -26.20
N1A FAD G . 0.63 -6.07 -27.05
C2A FAD G . 1.74 -5.37 -27.05
N3A FAD G . 1.94 -4.17 -26.49
C4A FAD G . 0.84 -3.68 -25.87
N1 FAD G . 7.65 0.87 -11.22
C2 FAD G . 8.45 0.10 -10.41
O2 FAD G . 9.21 -0.72 -10.89
N3 FAD G . 8.41 0.27 -9.03
C4 FAD G . 7.59 1.19 -8.43
O4 FAD G . 7.59 1.22 -7.19
C4X FAD G . 6.79 1.96 -9.28
N5 FAD G . 5.96 2.92 -8.73
C5X FAD G . 5.14 3.68 -9.53
C6 FAD G . 4.30 4.63 -8.96
C7 FAD G . 3.48 5.42 -9.75
C7M FAD G . 2.59 6.43 -9.10
C8 FAD G . 3.51 5.25 -11.14
C8M FAD G . 2.65 6.07 -12.04
C9 FAD G . 4.36 4.33 -11.71
C9A FAD G . 5.15 3.53 -10.91
N10 FAD G . 6.00 2.58 -11.46
C10 FAD G . 6.82 1.81 -10.65
C1' FAD G . 6.03 2.40 -12.95
C2' FAD G . 4.83 1.49 -13.31
O2' FAD G . 4.82 0.29 -12.56
C3' FAD G . 4.81 1.08 -14.78
O3' FAD G . 4.75 2.25 -15.54
C4' FAD G . 3.64 0.15 -15.11
O4' FAD G . 3.87 -1.12 -14.49
C5' FAD G . 3.57 -0.06 -16.62
O5' FAD G . 2.44 -0.83 -16.99
P FAD G . 1.33 -0.12 -17.89
O1P FAD G . 1.01 1.24 -17.34
O2P FAD G . 0.09 -0.91 -18.16
O3P FAD G . 2.17 0.09 -19.23
C1 DM2 H . 11.39 2.27 -8.61
C2 DM2 H . 10.62 2.80 -7.59
C3 DM2 H . 9.53 3.58 -7.92
C4 DM2 H . 9.19 3.89 -9.24
O4 DM2 H . 8.11 4.64 -9.62
C5 DM2 H . 9.95 3.34 -10.29
C6 DM2 H . 9.64 3.59 -11.70
O6 DM2 H . 8.67 4.27 -12.03
C7 DM2 H . 10.50 3.03 -12.76
C8 DM2 H . 10.20 3.27 -14.15
O8 DM2 H . 9.11 4.04 -14.47
C9 DM2 H . 11.04 2.75 -15.15
C10 DM2 H . 10.75 2.97 -16.64
O10 DM2 H . 10.40 4.35 -16.93
C11 DM2 H . 11.86 2.57 -17.58
C12 DM2 H . 13.23 2.44 -16.91
O12 DM2 H . 13.64 3.65 -16.35
C13 DM2 H . 14.34 2.02 -17.90
O13 DM2 H . 14.55 0.83 -18.15
C14 DM2 H . 15.15 3.12 -18.54
O14 DM2 H . 15.97 2.63 -19.62
C15 DM2 H . 13.02 1.38 -15.83
C16 DM2 H . 12.11 1.95 -14.76
C17 DM2 H . 12.43 1.70 -13.41
O17 DM2 H . 13.52 0.95 -13.07
C18 DM2 H . 11.61 2.24 -12.40
C19 DM2 H . 11.92 1.97 -10.99
O19 DM2 H . 12.86 1.28 -10.64
C20 DM2 H . 11.05 2.55 -9.95
C21 DM2 H . 7.79 5.80 -8.78
C1' DM2 H . 9.44 4.59 -17.94
C2' DM2 H . 8.39 5.56 -17.42
C3' DM2 H . 8.45 6.97 -18.05
N3' DM2 H . 7.68 7.02 -19.29
C4' DM2 H . 9.86 7.36 -18.31
O4' DM2 H . 9.88 8.74 -18.72
C5' DM2 H . 10.53 6.42 -19.31
O5' DM2 H . 10.06 5.02 -19.17
C6' DM2 H . 10.25 6.80 -20.72
H1 DM2 H . 12.19 1.73 -8.42
H2 DM2 H . 10.85 2.61 -6.64
H3 DM2 H . 8.97 3.94 -7.20
HO8 DM2 H . 8.86 3.85 -15.31
H10 DM2 H . 9.94 2.40 -16.88
H111 DM2 H . 11.92 3.22 -18.27
H112 DM2 H . 11.61 1.67 -18.00
HO12 DM2 H . 13.53 4.30 -16.94
H141 DM2 H . 15.72 3.51 -17.87
H142 DM2 H . 14.54 3.81 -18.90
HO14 DM2 H . 15.45 2.51 -20.37
H151 DM2 H . 12.61 0.58 -16.22
H152 DM2 H . 13.87 1.17 -15.44
HO17 DM2 H . 14.26 1.30 -13.43
H211 DM2 H . 8.18 5.68 -7.89
H212 DM2 H . 8.16 6.61 -9.20
H213 DM2 H . 6.84 5.89 -8.71
H1' DM2 H . 9.01 3.76 -18.12
H2'1 DM2 H . 7.52 5.19 -17.58
H2'2 DM2 H . 8.52 5.65 -16.48
H3' DM2 H . 8.06 7.61 -17.40
HN'1 DM2 H . 7.05 6.40 -19.27
HN'2 DM2 H . 7.28 7.85 -19.38
H4' DM2 H . 10.36 7.29 -17.46
HO4' DM2 H . 9.24 8.87 -19.32
H5' DM2 H . 11.53 6.45 -19.17
H6'1 DM2 H . 10.20 7.73 -20.79
H6'2 DM2 H . 9.36 6.39 -21.02
H6'3 DM2 H . 10.97 6.47 -21.30
#